data_6Z0S
#
_entry.id   6Z0S
#
_cell.length_a   1.00
_cell.length_b   1.00
_cell.length_c   1.00
_cell.angle_alpha   90.00
_cell.angle_beta   90.00
_cell.angle_gamma   90.00
#
_symmetry.space_group_name_H-M   'P 1'
#
loop_
_entity.id
_entity.type
_entity.pdbx_description
1 polymer 'comG promoter DNA - strand A'
2 polymer 'comG promoter DNA - strand B'
#
loop_
_entity_poly.entity_id
_entity_poly.type
_entity_poly.pdbx_seq_one_letter_code
_entity_poly.pdbx_strand_id
1 'polydeoxyribonucleotide'
;(DC)(DA)(DG)(DT)(DT)(DG)(DA)(DA)(DA)(DG)(DT)(DC)(DT)(DT)(DT)(DT)(DT)(DT)(DC)(DT)
(DT)(DG)(DC)(DC)(DA)(DG)(DA)(DA)(DA)(DG)(DA)(DA)(DT)(DT)(DG)(DG)(DT)(DT)(DT)(DT)
(DT)(DC)(DA)(DG)(DC)(DA)(DT)(DA)(DT)(DA)(DA)(DC)(DA)(DT)(DC)(DT)(DC)(DA)(DC)(DA)
(DA)(DA)(DA)(DT)(DC)(DA)(DC)(DG)(DT)(DT)(DT)(DT)(DC)(DC)(DC)(DT)(DG)(DT)(DT)(DT)
(DG)(DA)(DT)(DT)(DA)(DC)(DC)(DT)(DT)(DT)(DT)(DC)(DT)
;
A
2 'polydeoxyribonucleotide'
;(DA)(DG)(DA)(DA)(DA)(DA)(DG)(DG)(DT)(DA)(DA)(DT)(DC)(DA)(DA)(DA)(DC)(DA)(DG)(DG)
(DG)(DA)(DA)(DA)(DA)(DC)(DG)(DT)(DG)(DA)(DT)(DT)(DT)(DT)(DG)(DT)(DG)(DA)(DG)(DA)
(DT)(DG)(DT)(DT)(DA)(DT)(DA)(DT)(DG)(DC)(DT)(DG)(DA)(DA)(DA)(DA)(DA)(DC)(DC)(DA)
(DA)(DT)(DT)(DC)(DT)(DT)(DT)(DC)(DT)(DG)(DG)(DC)(DA)(DA)(DG)(DA)(DA)(DA)(DA)(DA)
(DA)(DG)(DA)(DC)(DT)(DT)(DT)(DC)(DA)(DA)(DC)(DT)(DG)
;
B
#
loop_
_chem_comp.id
_chem_comp.type
_chem_comp.name
_chem_comp.formula
DA DNA linking 2'-DEOXYADENOSINE-5'-MONOPHOSPHATE 'C10 H14 N5 O6 P'
DC DNA linking 2'-DEOXYCYTIDINE-5'-MONOPHOSPHATE 'C9 H14 N3 O7 P'
DG DNA linking 2'-DEOXYGUANOSINE-5'-MONOPHOSPHATE 'C10 H14 N5 O7 P'
DT DNA linking THYMIDINE-5'-MONOPHOSPHATE 'C10 H15 N2 O8 P'
#